data_5MWY
#
_entry.id   5MWY
#
_cell.length_a   48.538
_cell.length_b   77.944
_cell.length_c   78.917
_cell.angle_alpha   90.00
_cell.angle_beta   90.00
_cell.angle_gamma   90.00
#
_symmetry.space_group_name_H-M   'P 21 21 21'
#
loop_
_entity.id
_entity.type
_entity.pdbx_description
1 polymer 'Mineralocorticoid receptor'
2 polymer NCOA1
3 non-polymer eplerenone
4 water water
#
loop_
_entity_poly.entity_id
_entity_poly.type
_entity_poly.pdbx_seq_one_letter_code
_entity_poly.pdbx_strand_id
1 'polypeptide(L)'
;MHNHNHNHNHNHNGGENLYFQGTPSPVMVLENIEPEIVYAGYDSSKPDTAENLLSTLNRLAGKQMIQVVKWAKVLPGFKN
LPLEDQITLIQYSWMSLSSFALSWRSYKHTNSQFLYFAPDLVFNEEKMHQSAMYELCQGMHQISLQFVRLQLTFEEYTIM
KVLLLLSTIPKDGLKSQAAFEEMRTNYIKELRKMVTKSPNNSGQSWQRFYQLTKLLDSMHDLVSDLLEFCFYTFRESHAL
KVEFPAMLVEIISDQLPKVESGNAKPLYFHRKGGSLVPRGSGGGSGGSGGPQAQQKSLLQQLLTE
;
A
2 'polypeptide(L)' PQAQQKSLLQQLLTE B
#
loop_
_chem_comp.id
_chem_comp.type
_chem_comp.name
_chem_comp.formula
YNU non-polymer eplerenone 'C24 H30 O6'
#
# COMPACT_ATOMS: atom_id res chain seq x y z
N TYR A 19 -11.37 -21.01 11.64
CA TYR A 19 -10.20 -20.13 11.56
C TYR A 19 -10.36 -18.87 12.42
N PHE A 20 -11.52 -18.17 12.30
CA PHE A 20 -11.82 -16.96 13.05
C PHE A 20 -12.60 -17.31 14.33
N SER A 25 -16.43 -12.19 13.99
CA SER A 25 -16.70 -11.04 13.14
C SER A 25 -15.41 -10.25 12.81
N PRO A 26 -14.49 -10.82 11.97
CA PRO A 26 -13.23 -10.10 11.69
C PRO A 26 -13.35 -8.75 11.00
N VAL A 27 -14.42 -8.53 10.20
CA VAL A 27 -14.57 -7.24 9.50
C VAL A 27 -14.80 -6.11 10.50
N MET A 28 -15.53 -6.38 11.60
CA MET A 28 -15.78 -5.43 12.68
C MET A 28 -14.43 -5.04 13.32
N VAL A 29 -13.52 -6.02 13.48
CA VAL A 29 -12.19 -5.75 14.06
C VAL A 29 -11.43 -4.82 13.09
N LEU A 30 -11.45 -5.14 11.79
CA LEU A 30 -10.78 -4.34 10.74
C LEU A 30 -11.20 -2.86 10.75
N GLU A 31 -12.49 -2.62 10.86
CA GLU A 31 -13.06 -1.26 10.92
C GLU A 31 -12.49 -0.51 12.10
N ASN A 32 -12.31 -1.22 13.23
CA ASN A 32 -11.82 -0.61 14.46
C ASN A 32 -10.31 -0.42 14.57
N ILE A 33 -9.53 -1.20 13.82
CA ILE A 33 -8.06 -1.08 13.91
C ILE A 33 -7.48 -0.19 12.83
N GLU A 34 -8.33 0.45 12.04
CA GLU A 34 -7.85 1.33 10.99
C GLU A 34 -6.95 2.44 11.59
N PRO A 35 -5.71 2.65 11.07
CA PRO A 35 -4.83 3.67 11.67
C PRO A 35 -5.43 5.08 11.55
N GLU A 36 -5.05 5.98 12.47
CA GLU A 36 -5.54 7.36 12.49
C GLU A 36 -4.90 8.21 11.38
N ILE A 37 -5.29 9.51 11.35
CA ILE A 37 -4.82 10.57 10.44
C ILE A 37 -3.32 10.76 10.60
N VAL A 38 -2.56 10.73 9.48
CA VAL A 38 -1.12 11.01 9.56
C VAL A 38 -0.87 12.33 8.79
N TYR A 39 -0.34 13.38 9.46
CA TYR A 39 -0.02 14.64 8.77
C TYR A 39 1.28 14.44 8.00
N ALA A 40 1.46 15.16 6.87
CA ALA A 40 2.67 15.06 6.06
C ALA A 40 3.84 15.87 6.63
N GLY A 41 3.54 17.01 7.25
CA GLY A 41 4.56 17.93 7.74
C GLY A 41 5.08 18.75 6.58
N TYR A 42 4.22 19.01 5.58
CA TYR A 42 4.53 19.77 4.38
C TYR A 42 4.74 21.23 4.73
N ASP A 43 5.88 21.78 4.31
CA ASP A 43 6.27 23.16 4.57
C ASP A 43 6.00 23.94 3.31
N SER A 44 4.83 24.60 3.27
CA SER A 44 4.40 25.41 2.13
C SER A 44 5.20 26.71 1.97
N SER A 45 6.04 27.08 2.96
CA SER A 45 6.87 28.29 2.87
C SER A 45 8.15 28.01 2.06
N LYS A 46 8.45 26.72 1.82
CA LYS A 46 9.58 26.23 1.02
C LYS A 46 9.12 26.14 -0.45
N PRO A 47 10.05 26.29 -1.44
CA PRO A 47 9.61 26.22 -2.84
C PRO A 47 9.15 24.82 -3.21
N ASP A 48 8.13 24.73 -4.09
CA ASP A 48 7.60 23.42 -4.47
C ASP A 48 8.35 22.81 -5.64
N THR A 49 9.61 22.44 -5.35
CA THR A 49 10.49 21.79 -6.31
C THR A 49 10.15 20.32 -6.22
N ALA A 50 10.58 19.51 -7.20
CA ALA A 50 10.40 18.08 -7.18
C ALA A 50 11.07 17.48 -5.94
N GLU A 51 12.30 17.96 -5.58
CA GLU A 51 13.03 17.43 -4.43
C GLU A 51 12.31 17.68 -3.11
N ASN A 52 11.73 18.86 -2.92
CA ASN A 52 11.00 19.18 -1.69
C ASN A 52 9.72 18.38 -1.59
N LEU A 53 8.94 18.29 -2.68
CA LEU A 53 7.71 17.49 -2.65
C LEU A 53 7.99 16.02 -2.46
N LEU A 54 8.94 15.46 -3.20
CA LEU A 54 9.23 14.03 -3.06
C LEU A 54 9.77 13.68 -1.66
N SER A 55 10.58 14.57 -1.04
CA SER A 55 11.10 14.35 0.32
C SER A 55 9.96 14.37 1.33
N THR A 56 8.97 15.27 1.15
CA THR A 56 7.80 15.31 2.02
C THR A 56 7.01 14.01 1.84
N LEU A 57 6.86 13.56 0.59
CA LEU A 57 6.10 12.32 0.34
C LEU A 57 6.79 11.13 1.01
N ASN A 58 8.16 11.07 0.90
CA ASN A 58 8.94 10.02 1.56
C ASN A 58 8.82 10.06 3.09
N ARG A 59 8.81 11.26 3.65
CA ARG A 59 8.66 11.39 5.09
C ARG A 59 7.28 10.90 5.53
N LEU A 60 6.23 11.24 4.74
CA LEU A 60 4.87 10.80 5.02
C LEU A 60 4.79 9.27 4.94
N ALA A 61 5.42 8.66 3.92
CA ALA A 61 5.48 7.21 3.72
C ALA A 61 6.10 6.51 4.94
N GLY A 62 7.19 7.06 5.49
CA GLY A 62 7.82 6.48 6.68
C GLY A 62 6.88 6.49 7.85
N LYS A 63 6.18 7.62 8.05
CA LYS A 63 5.24 7.76 9.17
C LYS A 63 4.10 6.75 9.00
N GLN A 64 3.59 6.60 7.77
CA GLN A 64 2.52 5.66 7.47
C GLN A 64 2.99 4.24 7.63
N MET A 65 4.26 3.98 7.33
CA MET A 65 4.75 2.60 7.44
C MET A 65 4.82 2.13 8.91
N ILE A 66 5.04 3.03 9.86
CA ILE A 66 5.00 2.68 11.28
C ILE A 66 3.54 2.33 11.65
N GLN A 67 2.58 3.07 11.08
CA GLN A 67 1.15 2.80 11.31
C GLN A 67 0.77 1.44 10.69
N VAL A 68 1.35 1.10 9.52
CA VAL A 68 1.07 -0.21 8.90
C VAL A 68 1.55 -1.35 9.82
N VAL A 69 2.75 -1.21 10.42
CA VAL A 69 3.28 -2.27 11.29
C VAL A 69 2.38 -2.47 12.52
N LYS A 70 1.93 -1.36 13.17
CA LYS A 70 1.04 -1.42 14.34
C LYS A 70 -0.31 -2.09 13.99
N TRP A 71 -0.84 -1.76 12.81
CA TRP A 71 -2.11 -2.33 12.27
C TRP A 71 -1.93 -3.83 12.06
N ALA A 72 -0.89 -4.20 11.29
CA ALA A 72 -0.59 -5.62 11.01
C ALA A 72 -0.46 -6.46 12.28
N LYS A 73 0.17 -5.92 13.33
CA LYS A 73 0.36 -6.67 14.59
C LYS A 73 -0.96 -7.13 15.20
N VAL A 74 -2.01 -6.31 15.06
CA VAL A 74 -3.32 -6.62 15.65
C VAL A 74 -4.31 -7.15 14.62
N LEU A 75 -3.83 -7.45 13.41
CA LEU A 75 -4.67 -7.96 12.33
C LEU A 75 -5.00 -9.42 12.63
N PRO A 76 -6.29 -9.84 12.70
CA PRO A 76 -6.57 -11.28 13.01
C PRO A 76 -5.88 -12.23 12.06
N GLY A 77 -5.15 -13.17 12.66
CA GLY A 77 -4.37 -14.19 11.97
C GLY A 77 -2.92 -13.84 11.65
N PHE A 78 -2.57 -12.53 11.58
CA PHE A 78 -1.20 -12.14 11.21
C PHE A 78 -0.11 -12.66 12.16
N LYS A 79 -0.42 -12.74 13.46
CA LYS A 79 0.51 -13.24 14.49
C LYS A 79 0.91 -14.72 14.32
N ASN A 80 0.05 -15.54 13.67
CA ASN A 80 0.30 -16.96 13.41
C ASN A 80 1.45 -17.15 12.41
N LEU A 81 1.73 -16.11 11.60
CA LEU A 81 2.81 -16.17 10.63
C LEU A 81 4.15 -15.89 11.32
N PRO A 82 5.23 -16.63 10.94
CA PRO A 82 6.52 -16.40 11.60
C PRO A 82 7.02 -14.99 11.32
N LEU A 83 7.85 -14.47 12.22
CA LEU A 83 8.41 -13.11 12.06
C LEU A 83 9.01 -12.82 10.66
N GLU A 84 9.84 -13.74 10.13
CA GLU A 84 10.44 -13.60 8.81
C GLU A 84 9.37 -13.37 7.74
N ASP A 85 8.26 -14.16 7.79
CA ASP A 85 7.18 -14.00 6.81
C ASP A 85 6.44 -12.68 6.99
N GLN A 86 6.24 -12.25 8.25
CA GLN A 86 5.55 -10.98 8.52
C GLN A 86 6.36 -9.85 7.91
N ILE A 87 7.69 -9.87 8.08
CA ILE A 87 8.57 -8.86 7.49
C ILE A 87 8.51 -8.89 5.98
N THR A 88 8.57 -10.09 5.37
CA THR A 88 8.52 -10.25 3.90
C THR A 88 7.25 -9.59 3.31
N LEU A 89 6.08 -9.95 3.86
CA LEU A 89 4.79 -9.41 3.44
C LEU A 89 4.69 -7.89 3.55
N ILE A 90 5.12 -7.34 4.67
CA ILE A 90 5.16 -5.89 4.91
C ILE A 90 6.09 -5.21 3.89
N GLN A 91 7.30 -5.77 3.71
CA GLN A 91 8.23 -5.17 2.73
C GLN A 91 7.74 -5.30 1.27
N TYR A 92 7.17 -6.44 0.88
CA TYR A 92 6.73 -6.59 -0.49
C TYR A 92 5.50 -5.75 -0.83
N SER A 93 4.63 -5.53 0.16
CA SER A 93 3.34 -4.86 -0.06
C SER A 93 3.25 -3.39 0.30
N TRP A 94 4.31 -2.79 0.83
CA TRP A 94 4.24 -1.42 1.34
C TRP A 94 3.69 -0.42 0.33
N MET A 95 4.08 -0.51 -0.97
CA MET A 95 3.63 0.45 -2.00
C MET A 95 2.18 0.20 -2.36
N SER A 96 1.76 -1.06 -2.34
CA SER A 96 0.38 -1.47 -2.62
C SER A 96 -0.58 -0.92 -1.57
N LEU A 97 -0.30 -1.20 -0.28
CA LEU A 97 -1.12 -0.76 0.85
C LEU A 97 -1.20 0.76 0.86
N SER A 98 -0.05 1.42 0.71
CA SER A 98 0.07 2.89 0.71
C SER A 98 -0.73 3.53 -0.42
N SER A 99 -0.64 2.96 -1.64
N SER A 99 -0.66 2.95 -1.63
CA SER A 99 -1.36 3.56 -2.76
CA SER A 99 -1.37 3.48 -2.79
C SER A 99 -2.88 3.31 -2.64
C SER A 99 -2.88 3.31 -2.61
N PHE A 100 -3.29 2.15 -2.09
CA PHE A 100 -4.70 1.80 -1.90
C PHE A 100 -5.33 2.72 -0.85
N ALA A 101 -4.59 2.98 0.24
CA ALA A 101 -5.09 3.89 1.28
C ALA A 101 -5.18 5.31 0.75
N LEU A 102 -4.22 5.71 -0.10
CA LEU A 102 -4.27 7.05 -0.73
C LEU A 102 -5.53 7.15 -1.59
N SER A 103 -5.81 6.11 -2.38
CA SER A 103 -7.03 6.12 -3.18
C SER A 103 -8.27 6.22 -2.28
N TRP A 104 -8.27 5.55 -1.13
CA TRP A 104 -9.40 5.59 -0.21
C TRP A 104 -9.58 7.01 0.34
N ARG A 105 -8.48 7.61 0.84
CA ARG A 105 -8.56 8.97 1.40
C ARG A 105 -9.06 9.95 0.32
N SER A 106 -8.57 9.80 -0.91
CA SER A 106 -8.95 10.68 -2.01
C SER A 106 -10.46 10.59 -2.29
N TYR A 107 -10.97 9.37 -2.23
CA TYR A 107 -12.37 9.08 -2.47
C TYR A 107 -13.22 9.62 -1.34
N LYS A 108 -12.85 9.32 -0.08
CA LYS A 108 -13.68 9.71 1.05
C LYS A 108 -13.70 11.23 1.28
N HIS A 109 -12.54 11.87 1.14
CA HIS A 109 -12.40 13.29 1.48
C HIS A 109 -12.55 14.24 0.31
N THR A 110 -12.42 13.77 -0.96
CA THR A 110 -12.56 14.70 -2.10
C THR A 110 -13.48 14.19 -3.21
N ASN A 111 -14.12 13.02 -3.02
CA ASN A 111 -14.91 12.32 -4.05
C ASN A 111 -14.03 12.06 -5.27
N SER A 112 -12.73 11.78 -5.00
CA SER A 112 -11.69 11.44 -5.96
C SER A 112 -11.41 12.56 -6.96
N GLN A 113 -11.52 13.83 -6.52
CA GLN A 113 -11.24 15.00 -7.35
C GLN A 113 -9.74 15.31 -7.22
N PHE A 114 -9.15 15.03 -6.05
CA PHE A 114 -7.73 15.30 -5.76
C PHE A 114 -7.04 14.11 -5.15
N LEU A 115 -5.69 14.18 -5.03
CA LEU A 115 -4.92 13.13 -4.33
C LEU A 115 -4.71 13.58 -2.89
N TYR A 116 -5.50 12.99 -1.96
CA TYR A 116 -5.49 13.38 -0.55
C TYR A 116 -4.39 12.61 0.18
N PHE A 117 -3.14 13.05 0.00
CA PHE A 117 -2.02 12.38 0.70
C PHE A 117 -2.17 12.50 2.22
N ALA A 118 -2.56 13.69 2.68
CA ALA A 118 -2.71 13.96 4.11
C ALA A 118 -3.55 15.24 4.21
N PRO A 119 -4.14 15.58 5.37
CA PRO A 119 -4.94 16.82 5.44
C PRO A 119 -4.18 18.08 5.03
N ASP A 120 -2.85 18.09 5.30
CA ASP A 120 -1.91 19.17 4.99
C ASP A 120 -1.22 19.01 3.62
N LEU A 121 -1.55 17.96 2.86
CA LEU A 121 -0.95 17.75 1.54
C LEU A 121 -1.96 17.13 0.56
N VAL A 122 -2.68 18.01 -0.15
CA VAL A 122 -3.71 17.55 -1.12
C VAL A 122 -3.21 17.98 -2.50
N PHE A 123 -3.00 17.00 -3.40
CA PHE A 123 -2.45 17.33 -4.72
C PHE A 123 -3.51 17.75 -5.73
N ASN A 124 -3.25 18.86 -6.37
CA ASN A 124 -4.02 19.39 -7.49
C ASN A 124 -3.12 19.17 -8.72
N GLU A 125 -3.56 19.56 -9.94
CA GLU A 125 -2.76 19.47 -11.16
C GLU A 125 -1.37 20.08 -10.97
N GLU A 126 -1.28 21.28 -10.32
CA GLU A 126 -0.01 21.96 -10.10
C GLU A 126 1.00 21.06 -9.35
N LYS A 127 0.60 20.52 -8.21
CA LYS A 127 1.44 19.63 -7.42
C LYS A 127 1.79 18.33 -8.17
N MET A 128 0.86 17.78 -8.95
CA MET A 128 1.12 16.58 -9.76
C MET A 128 2.28 16.86 -10.73
N HIS A 129 2.28 18.04 -11.36
CA HIS A 129 3.37 18.40 -12.27
C HIS A 129 4.67 18.67 -11.53
N GLN A 130 4.61 19.48 -10.43
CA GLN A 130 5.80 19.86 -9.64
C GLN A 130 6.54 18.68 -9.05
N SER A 131 5.81 17.61 -8.74
CA SER A 131 6.36 16.40 -8.10
C SER A 131 7.28 15.60 -9.01
N ALA A 132 7.20 15.85 -10.32
CA ALA A 132 7.93 15.16 -11.40
C ALA A 132 7.42 13.73 -11.61
N MET A 133 6.19 13.46 -11.11
CA MET A 133 5.48 12.18 -11.15
C MET A 133 4.07 12.31 -11.73
N TYR A 134 3.84 13.27 -12.66
CA TYR A 134 2.51 13.54 -13.20
C TYR A 134 1.75 12.28 -13.70
N GLU A 135 2.40 11.48 -14.55
CA GLU A 135 1.80 10.25 -15.09
C GLU A 135 1.49 9.21 -14.02
N LEU A 136 2.36 9.07 -13.01
CA LEU A 136 2.16 8.15 -11.89
C LEU A 136 0.98 8.64 -11.06
N CYS A 137 0.88 9.98 -10.86
CA CYS A 137 -0.25 10.60 -10.17
C CYS A 137 -1.58 10.36 -10.89
N GLN A 138 -1.63 10.55 -12.22
CA GLN A 138 -2.84 10.28 -13.00
C GLN A 138 -3.25 8.80 -12.91
N GLY A 139 -2.26 7.91 -12.85
CA GLY A 139 -2.45 6.47 -12.69
C GLY A 139 -3.15 6.18 -11.39
N MET A 140 -2.69 6.84 -10.32
CA MET A 140 -3.27 6.74 -8.99
C MET A 140 -4.69 7.28 -8.99
N HIS A 141 -4.89 8.42 -9.63
CA HIS A 141 -6.21 9.04 -9.71
C HIS A 141 -7.22 8.10 -10.35
N GLN A 142 -6.79 7.25 -11.31
CA GLN A 142 -7.68 6.29 -11.99
C GLN A 142 -8.26 5.26 -11.01
N ILE A 143 -7.44 4.78 -10.06
CA ILE A 143 -7.87 3.84 -9.03
C ILE A 143 -8.93 4.54 -8.16
N SER A 144 -8.67 5.79 -7.70
CA SER A 144 -9.64 6.49 -6.85
C SER A 144 -10.95 6.73 -7.62
N LEU A 145 -10.83 6.90 -8.95
CA LEU A 145 -12.00 7.08 -9.79
C LEU A 145 -12.82 5.80 -9.89
N GLN A 146 -12.17 4.63 -9.73
CA GLN A 146 -12.87 3.33 -9.73
C GLN A 146 -13.66 3.14 -8.45
N PHE A 147 -13.15 3.70 -7.32
CA PHE A 147 -13.82 3.67 -6.02
C PHE A 147 -15.16 4.40 -6.14
N VAL A 148 -15.17 5.53 -6.86
CA VAL A 148 -16.38 6.31 -7.14
C VAL A 148 -17.35 5.49 -8.02
N ARG A 149 -16.85 4.91 -9.11
CA ARG A 149 -17.65 4.11 -10.06
C ARG A 149 -18.34 2.96 -9.34
N LEU A 150 -17.60 2.24 -8.48
CA LEU A 150 -18.09 1.08 -7.74
C LEU A 150 -18.81 1.42 -6.46
N GLN A 151 -18.66 2.68 -5.97
CA GLN A 151 -19.22 3.12 -4.69
C GLN A 151 -18.66 2.17 -3.60
N LEU A 152 -17.34 1.99 -3.64
CA LEU A 152 -16.67 1.10 -2.70
C LEU A 152 -17.05 1.47 -1.27
N THR A 153 -17.35 0.47 -0.42
CA THR A 153 -17.74 0.71 0.96
C THR A 153 -16.53 0.55 1.89
N PHE A 154 -16.63 1.11 3.09
CA PHE A 154 -15.54 0.98 4.07
C PHE A 154 -15.23 -0.49 4.43
N GLU A 155 -16.27 -1.32 4.62
CA GLU A 155 -16.11 -2.76 4.93
C GLU A 155 -15.36 -3.48 3.81
N GLU A 156 -15.68 -3.19 2.53
CA GLU A 156 -15.00 -3.79 1.38
C GLU A 156 -13.51 -3.35 1.34
N TYR A 157 -13.30 -2.05 1.48
CA TYR A 157 -11.97 -1.45 1.51
C TYR A 157 -11.05 -2.14 2.54
N THR A 158 -11.51 -2.26 3.82
CA THR A 158 -10.69 -2.88 4.87
C THR A 158 -10.30 -4.33 4.54
N ILE A 159 -11.22 -5.11 3.96
CA ILE A 159 -10.87 -6.50 3.59
C ILE A 159 -9.85 -6.49 2.45
N MET A 160 -10.10 -5.66 1.44
CA MET A 160 -9.23 -5.53 0.26
C MET A 160 -7.81 -5.13 0.67
N LYS A 161 -7.67 -4.25 1.68
CA LYS A 161 -6.36 -3.83 2.17
C LYS A 161 -5.60 -5.03 2.74
N VAL A 162 -6.31 -5.90 3.47
CA VAL A 162 -5.68 -7.12 4.01
C VAL A 162 -5.22 -7.99 2.86
N LEU A 163 -6.05 -8.09 1.82
CA LEU A 163 -5.69 -8.89 0.66
C LEU A 163 -4.47 -8.37 -0.05
N LEU A 164 -4.28 -7.03 -0.07
CA LEU A 164 -3.08 -6.44 -0.66
C LEU A 164 -1.85 -6.73 0.20
N LEU A 165 -1.98 -6.74 1.55
CA LEU A 165 -0.86 -7.15 2.40
C LEU A 165 -0.39 -8.58 2.03
N LEU A 166 -1.32 -9.42 1.60
CA LEU A 166 -1.07 -10.84 1.28
C LEU A 166 -1.01 -11.10 -0.24
N SER A 167 -0.64 -10.10 -1.06
N SER A 167 -0.65 -10.09 -1.05
CA SER A 167 -0.65 -10.27 -2.52
CA SER A 167 -0.66 -10.19 -2.52
C SER A 167 0.69 -10.42 -3.22
C SER A 167 0.69 -10.39 -3.22
N THR A 168 1.81 -10.34 -2.50
CA THR A 168 3.15 -10.48 -3.12
C THR A 168 4.00 -11.33 -2.19
N ILE A 169 4.54 -12.43 -2.70
CA ILE A 169 5.32 -13.36 -1.87
C ILE A 169 6.65 -13.71 -2.56
N PRO A 170 7.64 -14.33 -1.89
CA PRO A 170 8.85 -14.73 -2.62
C PRO A 170 8.49 -15.76 -3.69
N LYS A 171 9.21 -15.74 -4.81
CA LYS A 171 8.99 -16.67 -5.92
C LYS A 171 9.06 -18.13 -5.43
N ASP A 172 9.93 -18.41 -4.45
CA ASP A 172 10.09 -19.74 -3.86
C ASP A 172 9.20 -19.96 -2.60
N GLY A 173 8.21 -19.07 -2.40
CA GLY A 173 7.23 -19.13 -1.33
C GLY A 173 7.76 -18.66 0.00
N LEU A 174 6.87 -18.63 0.99
CA LEU A 174 7.20 -18.17 2.34
C LEU A 174 7.72 -19.32 3.20
N LYS A 175 8.24 -19.01 4.41
CA LYS A 175 8.74 -20.03 5.32
C LYS A 175 7.62 -20.98 5.76
N SER A 176 6.43 -20.42 6.02
CA SER A 176 5.22 -21.16 6.41
C SER A 176 4.16 -20.80 5.37
N GLN A 177 4.31 -21.38 4.18
CA GLN A 177 3.42 -21.16 3.05
C GLN A 177 1.97 -21.59 3.36
N ALA A 178 1.81 -22.75 4.00
CA ALA A 178 0.49 -23.28 4.37
C ALA A 178 -0.24 -22.31 5.30
N ALA A 179 0.46 -21.77 6.32
CA ALA A 179 -0.11 -20.79 7.26
C ALA A 179 -0.57 -19.52 6.52
N PHE A 180 0.24 -19.06 5.56
CA PHE A 180 -0.08 -17.88 4.76
C PHE A 180 -1.33 -18.13 3.90
N GLU A 181 -1.38 -19.27 3.23
CA GLU A 181 -2.51 -19.57 2.34
C GLU A 181 -3.81 -19.68 3.10
N GLU A 182 -3.78 -20.23 4.32
CA GLU A 182 -4.97 -20.32 5.17
C GLU A 182 -5.51 -18.91 5.50
N MET A 183 -4.61 -18.01 5.89
CA MET A 183 -4.99 -16.64 6.20
C MET A 183 -5.57 -15.99 4.96
N ARG A 184 -4.83 -16.03 3.82
CA ARG A 184 -5.32 -15.40 2.59
C ARG A 184 -6.70 -15.96 2.16
N THR A 185 -6.83 -17.29 2.14
CA THR A 185 -8.09 -17.94 1.76
C THR A 185 -9.24 -17.45 2.63
N ASN A 186 -8.97 -17.28 3.94
CA ASN A 186 -10.03 -16.89 4.87
C ASN A 186 -10.50 -15.48 4.67
N TYR A 187 -9.58 -14.57 4.26
CA TYR A 187 -9.97 -13.20 3.97
C TYR A 187 -10.71 -13.09 2.64
N ILE A 188 -10.40 -13.98 1.67
CA ILE A 188 -11.10 -13.99 0.37
C ILE A 188 -12.55 -14.41 0.68
N LYS A 189 -12.71 -15.41 1.57
CA LYS A 189 -14.04 -15.84 2.02
C LYS A 189 -14.77 -14.66 2.67
N GLU A 190 -14.06 -13.81 3.47
CA GLU A 190 -14.69 -12.64 4.06
C GLU A 190 -15.14 -11.65 3.00
N LEU A 191 -14.36 -11.48 1.90
CA LEU A 191 -14.75 -10.55 0.83
C LEU A 191 -16.02 -11.05 0.13
N ARG A 192 -16.08 -12.36 -0.17
CA ARG A 192 -17.24 -12.99 -0.81
C ARG A 192 -18.53 -12.85 0.05
N LYS A 193 -18.43 -13.06 1.38
CA LYS A 193 -19.56 -12.91 2.30
C LYS A 193 -20.00 -11.43 2.34
N MET A 194 -19.04 -10.51 2.33
CA MET A 194 -19.28 -9.06 2.37
C MET A 194 -20.01 -8.53 1.13
N VAL A 195 -19.67 -9.01 -0.08
CA VAL A 195 -20.31 -8.53 -1.33
C VAL A 195 -21.81 -8.86 -1.39
N THR A 196 -22.25 -9.93 -0.69
CA THR A 196 -23.66 -10.35 -0.62
C THR A 196 -24.48 -9.41 0.28
N GLY A 203 -30.22 -8.62 -6.64
CA GLY A 203 -29.87 -9.54 -5.56
C GLY A 203 -28.68 -10.44 -5.84
N GLN A 204 -28.03 -10.27 -7.01
CA GLN A 204 -26.86 -11.06 -7.42
C GLN A 204 -25.60 -10.40 -6.89
N SER A 205 -24.67 -11.20 -6.32
CA SER A 205 -23.43 -10.70 -5.72
C SER A 205 -22.15 -11.07 -6.47
N TRP A 206 -22.13 -12.21 -7.22
CA TRP A 206 -20.94 -12.66 -7.97
C TRP A 206 -20.37 -11.56 -8.85
N GLN A 207 -21.25 -10.71 -9.41
CA GLN A 207 -20.89 -9.60 -10.26
C GLN A 207 -19.99 -8.66 -9.45
N ARG A 208 -20.42 -8.29 -8.23
CA ARG A 208 -19.58 -7.39 -7.39
C ARG A 208 -18.23 -7.98 -7.00
N PHE A 209 -18.21 -9.25 -6.57
CA PHE A 209 -16.98 -9.94 -6.20
C PHE A 209 -15.90 -9.84 -7.30
N TYR A 210 -16.28 -10.14 -8.57
CA TYR A 210 -15.35 -10.07 -9.69
C TYR A 210 -14.94 -8.65 -10.01
N GLN A 211 -15.82 -7.66 -9.73
CA GLN A 211 -15.45 -6.26 -9.94
C GLN A 211 -14.34 -5.89 -8.93
N LEU A 212 -14.44 -6.43 -7.69
CA LEU A 212 -13.45 -6.15 -6.64
C LEU A 212 -12.15 -6.91 -6.84
N THR A 213 -12.22 -8.16 -7.29
CA THR A 213 -10.97 -8.88 -7.56
C THR A 213 -10.26 -8.29 -8.78
N LYS A 214 -11.00 -7.76 -9.78
CA LYS A 214 -10.36 -7.12 -10.95
C LYS A 214 -9.62 -5.85 -10.50
N LEU A 215 -10.22 -5.08 -9.60
CA LEU A 215 -9.61 -3.88 -9.02
C LEU A 215 -8.28 -4.25 -8.29
N LEU A 216 -8.33 -5.27 -7.40
CA LEU A 216 -7.17 -5.73 -6.64
C LEU A 216 -6.05 -6.17 -7.58
N ASP A 217 -6.38 -6.92 -8.63
CA ASP A 217 -5.38 -7.34 -9.60
C ASP A 217 -4.74 -6.17 -10.31
N SER A 218 -5.52 -5.13 -10.67
CA SER A 218 -5.00 -3.97 -11.38
C SER A 218 -3.97 -3.17 -10.55
N MET A 219 -3.90 -3.42 -9.23
CA MET A 219 -2.95 -2.73 -8.37
C MET A 219 -1.52 -3.14 -8.67
N HIS A 220 -1.29 -4.40 -9.06
CA HIS A 220 0.08 -4.86 -9.32
C HIS A 220 0.78 -4.03 -10.42
N ASP A 221 0.08 -3.75 -11.53
CA ASP A 221 0.70 -2.94 -12.61
C ASP A 221 1.04 -1.53 -12.21
N LEU A 222 0.11 -0.86 -11.49
CA LEU A 222 0.36 0.49 -10.97
C LEU A 222 1.57 0.47 -10.00
N VAL A 223 1.56 -0.49 -9.08
CA VAL A 223 2.63 -0.59 -8.08
C VAL A 223 4.00 -0.82 -8.74
N SER A 224 4.06 -1.55 -9.88
N SER A 224 4.05 -1.55 -9.87
CA SER A 224 5.30 -1.78 -10.62
CA SER A 224 5.29 -1.79 -10.61
C SER A 224 5.92 -0.46 -11.08
C SER A 224 5.92 -0.48 -11.13
N ASP A 225 5.10 0.44 -11.65
CA ASP A 225 5.56 1.75 -12.13
C ASP A 225 5.96 2.67 -10.98
N LEU A 226 5.22 2.62 -9.88
CA LEU A 226 5.53 3.46 -8.70
C LEU A 226 6.85 3.00 -8.12
N LEU A 227 7.06 1.68 -7.99
CA LEU A 227 8.31 1.12 -7.47
C LEU A 227 9.48 1.45 -8.40
N GLU A 228 9.27 1.39 -9.71
CA GLU A 228 10.32 1.74 -10.68
C GLU A 228 10.83 3.16 -10.42
N PHE A 229 9.91 4.13 -10.19
CA PHE A 229 10.33 5.50 -9.94
C PHE A 229 10.98 5.62 -8.58
N CYS A 230 10.43 4.92 -7.57
CA CYS A 230 10.97 4.96 -6.21
C CYS A 230 12.40 4.41 -6.19
N PHE A 231 12.61 3.25 -6.85
CA PHE A 231 13.95 2.63 -6.93
C PHE A 231 14.96 3.55 -7.60
N TYR A 232 14.55 4.22 -8.69
CA TYR A 232 15.36 5.16 -9.48
C TYR A 232 15.85 6.33 -8.61
N THR A 233 14.91 7.00 -7.91
N THR A 233 14.89 6.95 -7.91
CA THR A 233 15.25 8.12 -7.03
CA THR A 233 15.08 8.06 -7.00
C THR A 233 16.06 7.65 -5.82
C THR A 233 15.98 7.64 -5.81
N PHE A 234 15.84 6.39 -5.36
CA PHE A 234 16.60 5.84 -4.24
C PHE A 234 18.06 5.62 -4.63
N ARG A 235 18.30 5.08 -5.84
CA ARG A 235 19.63 4.80 -6.40
C ARG A 235 20.51 6.02 -6.57
N GLU A 236 19.90 7.22 -6.74
CA GLU A 236 20.64 8.48 -6.84
C GLU A 236 19.90 9.63 -6.11
N SER A 237 19.57 9.39 -4.81
CA SER A 237 18.80 10.32 -3.96
C SER A 237 19.47 11.66 -3.76
N HIS A 238 20.76 11.70 -3.34
CA HIS A 238 21.46 12.99 -3.17
C HIS A 238 21.59 13.78 -4.46
N ALA A 239 21.88 13.08 -5.58
CA ALA A 239 22.00 13.66 -6.93
C ALA A 239 20.72 14.42 -7.33
N LEU A 240 19.56 13.91 -6.88
CA LEU A 240 18.22 14.48 -7.10
C LEU A 240 17.71 15.27 -5.88
N LYS A 241 18.52 15.33 -4.78
CA LYS A 241 18.25 16.00 -3.47
C LYS A 241 16.99 15.41 -2.79
N VAL A 242 16.69 14.14 -3.02
CA VAL A 242 15.50 13.50 -2.46
C VAL A 242 15.87 12.75 -1.21
N GLU A 243 15.20 13.06 -0.10
CA GLU A 243 15.47 12.47 1.21
C GLU A 243 14.58 11.27 1.50
N PHE A 244 15.15 10.24 2.15
CA PHE A 244 14.45 9.02 2.54
C PHE A 244 14.55 8.84 4.06
N PRO A 245 13.43 8.60 4.78
CA PRO A 245 13.56 8.32 6.23
C PRO A 245 14.15 6.93 6.43
N ALA A 246 14.70 6.67 7.64
CA ALA A 246 15.34 5.42 8.02
C ALA A 246 14.51 4.16 7.66
N MET A 247 13.19 4.21 7.93
N MET A 247 13.20 4.20 7.94
CA MET A 247 12.19 3.16 7.68
CA MET A 247 12.25 3.12 7.69
C MET A 247 12.15 2.76 6.23
C MET A 247 12.26 2.74 6.21
N LEU A 248 12.13 3.74 5.31
CA LEU A 248 12.11 3.50 3.87
C LEU A 248 13.47 3.03 3.40
N VAL A 249 14.59 3.58 3.97
CA VAL A 249 15.93 3.11 3.57
C VAL A 249 16.01 1.61 3.82
N GLU A 250 15.55 1.16 5.00
CA GLU A 250 15.60 -0.24 5.38
C GLU A 250 14.73 -1.10 4.45
N ILE A 251 13.48 -0.70 4.24
CA ILE A 251 12.57 -1.48 3.39
C ILE A 251 13.09 -1.56 1.97
N ILE A 252 13.39 -0.39 1.38
CA ILE A 252 13.82 -0.32 -0.01
C ILE A 252 15.15 -1.05 -0.22
N SER A 253 16.14 -0.92 0.69
CA SER A 253 17.42 -1.62 0.49
C SER A 253 17.24 -3.13 0.40
N ASP A 254 16.24 -3.68 1.10
CA ASP A 254 15.92 -5.11 1.15
C ASP A 254 15.07 -5.49 -0.08
N GLN A 255 14.06 -4.67 -0.38
CA GLN A 255 13.11 -4.92 -1.45
C GLN A 255 13.67 -4.78 -2.84
N LEU A 256 14.40 -3.67 -3.12
CA LEU A 256 14.97 -3.33 -4.44
C LEU A 256 15.73 -4.51 -5.12
N PRO A 257 16.73 -5.17 -4.50
CA PRO A 257 17.39 -6.29 -5.20
C PRO A 257 16.47 -7.49 -5.40
N LYS A 258 15.47 -7.69 -4.52
CA LYS A 258 14.52 -8.79 -4.65
C LYS A 258 13.59 -8.58 -5.83
N VAL A 259 12.98 -7.36 -5.93
CA VAL A 259 12.06 -7.04 -7.03
C VAL A 259 12.78 -7.08 -8.38
N GLU A 260 13.95 -6.44 -8.47
CA GLU A 260 14.71 -6.35 -9.72
C GLU A 260 15.26 -7.70 -10.19
N SER A 261 15.52 -8.64 -9.26
CA SER A 261 16.01 -9.97 -9.64
C SER A 261 14.88 -10.98 -9.96
N GLY A 262 13.62 -10.53 -9.96
CA GLY A 262 12.45 -11.39 -10.22
C GLY A 262 12.13 -12.34 -9.09
N ASN A 263 12.55 -12.00 -7.86
CA ASN A 263 12.31 -12.85 -6.70
C ASN A 263 10.95 -12.56 -6.04
N ALA A 264 10.23 -11.53 -6.52
CA ALA A 264 8.90 -11.19 -6.03
C ALA A 264 7.91 -11.92 -6.92
N LYS A 265 6.84 -12.45 -6.31
CA LYS A 265 5.79 -13.15 -7.05
C LYS A 265 4.46 -12.47 -6.77
N PRO A 266 3.98 -11.63 -7.69
CA PRO A 266 2.66 -11.03 -7.48
C PRO A 266 1.58 -12.12 -7.61
N LEU A 267 0.65 -12.14 -6.67
CA LEU A 267 -0.46 -13.12 -6.66
C LEU A 267 -1.67 -12.45 -7.32
N TYR A 268 -2.22 -13.09 -8.35
CA TYR A 268 -3.36 -12.58 -9.11
C TYR A 268 -4.58 -13.44 -8.86
N PHE A 269 -5.77 -12.84 -8.77
CA PHE A 269 -7.00 -13.63 -8.68
C PHE A 269 -7.26 -14.24 -10.05
N HIS A 270 -6.97 -13.45 -11.10
CA HIS A 270 -7.22 -13.84 -12.50
C HIS A 270 -5.99 -13.54 -13.32
N ARG A 271 -5.23 -14.59 -13.65
CA ARG A 271 -4.01 -14.50 -14.48
C ARG A 271 -4.25 -13.64 -15.72
N LYS A 272 -3.39 -12.61 -15.92
CA LYS A 272 -3.44 -11.66 -17.05
C LYS A 272 -3.43 -12.37 -18.40
N LYS B 6 18.97 -6.05 15.55
CA LYS B 6 17.64 -6.10 14.95
C LYS B 6 17.37 -4.89 14.06
N SER B 7 16.71 -5.11 12.90
CA SER B 7 16.30 -4.04 11.98
C SER B 7 15.11 -3.29 12.61
N LEU B 8 14.75 -2.11 12.08
CA LEU B 8 13.63 -1.31 12.59
C LEU B 8 12.32 -2.09 12.52
N LEU B 9 12.12 -2.85 11.41
CA LEU B 9 10.94 -3.67 11.23
C LEU B 9 10.88 -4.80 12.26
N GLN B 10 12.03 -5.50 12.49
CA GLN B 10 12.15 -6.56 13.51
C GLN B 10 11.84 -5.98 14.89
N GLN B 11 12.41 -4.78 15.23
CA GLN B 11 12.15 -4.09 16.50
C GLN B 11 10.66 -3.79 16.69
N LEU B 12 10.01 -3.16 15.68
CA LEU B 12 8.60 -2.81 15.77
C LEU B 12 7.67 -4.01 15.90
N LEU B 13 7.97 -5.09 15.16
CA LEU B 13 7.14 -6.30 15.19
C LEU B 13 7.27 -7.13 16.48
N THR B 14 8.41 -7.00 17.19
CA THR B 14 8.68 -7.77 18.42
C THR B 14 8.42 -7.01 19.72
N GLU B 15 8.29 -5.66 19.64
CA GLU B 15 8.03 -4.80 20.81
C GLU B 15 6.64 -5.04 21.43
C1 YNU C . 4.44 7.64 -2.07
C3 YNU C . 5.59 8.59 -1.74
C7 YNU C . 2.16 6.71 -1.57
C8 YNU C . 5.68 7.17 -4.25
C9 YNU C . 3.09 6.59 -3.95
C10 YNU C . 7.96 7.77 -4.77
C11 YNU C . 6.82 8.75 -2.65
C12 YNU C . 2.09 5.98 -2.92
C14 YNU C . 1.02 7.14 -1.01
C15 YNU C . 2.53 7.89 -4.55
C16 YNU C . 10.17 8.33 -4.34
C19 YNU C . 7.38 6.98 -5.94
C20 YNU C . 1.00 7.87 0.28
C21 YNU C . 8.14 9.24 -5.22
C27 YNU C . 7.61 6.39 -2.65
O28 YNU C . 2.95 8.41 -5.72
C30 YNU C . 1.97 8.97 -6.66
O2 YNU C . 4.37 9.07 -2.33
C4 YNU C . 4.51 6.75 -3.34
C5 YNU C . 3.50 7.11 -0.97
C6 YNU C . 7.05 7.54 -3.53
O13 YNU C . 9.32 7.32 -4.54
C17 YNU C . 6.11 6.29 -5.43
C18 YNU C . 3.36 8.27 0.04
O22 YNU C . 1.69 8.50 -3.96
O23 YNU C . 11.28 8.23 -3.90
O24 YNU C . 0.02 8.34 0.78
C25 YNU C . 9.58 9.62 -4.77
C26 YNU C . 2.27 8.03 1.04
C29 YNU C . 4.10 5.87 -0.29
#